data_6COI
#
_entry.id   6COI
#
_cell.length_a   49.917
_cell.length_b   86.943
_cell.length_c   122.982
_cell.angle_alpha   90.000
_cell.angle_beta   90.000
_cell.angle_gamma   90.000
#
_symmetry.space_group_name_H-M   'P 21 21 21'
#
loop_
_entity.id
_entity.type
_entity.pdbx_description
1 polymer 'Alpha-hydroxynitrile lyase'
2 non-polymer GLYCEROL
3 non-polymer 'CYANIDE ION'
4 non-polymer benzaldehyde
5 non-polymer (2R)-hydroxy(phenyl)ethanenitrile
6 non-polymer '(S)-MANDELIC ACID NITRILE'
7 water water
#
_entity_poly.entity_id   1
_entity_poly.type   'polypeptide(L)'
_entity_poly.pdbx_seq_one_letter_code
;MERKHHFVLVHNACHGAWIWYKLKPLLESAGHRVTAVELAASGIDPRPIQAVETVDEYSKPLIETLKSLPENEEVILVGF
SFGGINIALAADIFPAKIKVLVFLNAFLPDTTHVPSHVLDKLMEMFGGWGDTEFSSHETRNGTMSLLKMGPKFMKARLYQ
NCPIEDYELAKMLHRQGSFFTEDLSKKEKFSEEGYGSVQRVYVMSSEDKIIPCDFIRWMIDNFNVSKVYEIDGGDHMVML
SKPQKLFDSLSAIATDYMGL
;
_entity_poly.pdbx_strand_id   A,B
#
# COMPACT_ATOMS: atom_id res chain seq x y z
N MET A 1 16.93 11.86 -29.66
CA MET A 1 15.92 11.70 -28.57
C MET A 1 15.67 13.09 -27.91
N GLU A 2 14.41 13.54 -27.92
CA GLU A 2 13.97 14.72 -27.13
C GLU A 2 14.43 14.66 -25.64
N ARG A 3 14.70 15.82 -25.01
CA ARG A 3 15.13 15.83 -23.61
C ARG A 3 13.97 15.38 -22.70
N LYS A 4 14.28 14.50 -21.76
CA LYS A 4 13.30 13.96 -20.77
C LYS A 4 13.26 14.85 -19.51
N HIS A 5 12.42 14.49 -18.54
CA HIS A 5 12.00 15.33 -17.47
C HIS A 5 11.94 14.57 -16.16
N HIS A 6 11.99 15.34 -15.08
CA HIS A 6 11.78 14.86 -13.79
C HIS A 6 10.33 15.19 -13.38
N PHE A 7 9.50 14.16 -13.24
CA PHE A 7 8.14 14.32 -12.71
C PHE A 7 8.11 14.03 -11.17
N VAL A 8 7.56 14.96 -10.42
CA VAL A 8 7.25 14.75 -9.04
C VAL A 8 5.73 14.66 -8.88
N LEU A 9 5.30 13.51 -8.35
CA LEU A 9 3.92 13.12 -8.20
C LEU A 9 3.50 13.21 -6.71
N VAL A 10 2.37 13.92 -6.50
CA VAL A 10 1.83 14.22 -5.23
C VAL A 10 0.43 13.66 -5.16
N HIS A 11 0.23 12.72 -4.24
CA HIS A 11 -1.09 12.03 -4.07
C HIS A 11 -2.12 12.86 -3.31
N ASN A 12 -3.31 12.29 -3.32
CA ASN A 12 -4.50 12.83 -2.65
C ASN A 12 -4.55 12.49 -1.14
N ALA A 13 -5.41 13.21 -0.42
CA ALA A 13 -5.69 12.97 1.00
C ALA A 13 -6.18 11.51 1.17
N CYS A 14 -5.86 10.89 2.30
CA CYS A 14 -6.36 9.50 2.58
C CYS A 14 -5.70 8.39 1.81
N HIS A 15 -4.76 8.75 0.94
CA HIS A 15 -4.04 7.82 0.16
C HIS A 15 -2.54 8.03 0.38
N GLY A 16 -1.69 7.50 -0.51
CA GLY A 16 -0.22 7.71 -0.40
C GLY A 16 0.45 7.53 -1.76
N ALA A 17 1.77 7.37 -1.72
CA ALA A 17 2.61 7.27 -2.92
C ALA A 17 2.22 6.13 -3.85
N TRP A 18 1.80 5.06 -3.20
CA TRP A 18 1.28 3.87 -3.83
C TRP A 18 0.29 4.06 -4.97
N ILE A 19 -0.60 5.03 -4.92
CA ILE A 19 -1.46 5.25 -6.13
C ILE A 19 -0.73 5.35 -7.45
N TRP A 20 0.57 5.72 -7.41
CA TRP A 20 1.30 5.98 -8.57
C TRP A 20 1.94 4.72 -9.12
N TYR A 21 1.59 3.58 -8.57
CA TYR A 21 2.35 2.37 -8.93
C TYR A 21 2.23 1.93 -10.40
N LYS A 22 1.17 2.33 -11.08
CA LYS A 22 1.04 2.08 -12.52
C LYS A 22 1.70 3.13 -13.36
N LEU A 23 1.49 4.41 -13.02
CA LEU A 23 2.04 5.51 -13.79
C LEU A 23 3.54 5.61 -13.75
N LYS A 24 4.14 5.40 -12.56
CA LYS A 24 5.61 5.53 -12.36
C LYS A 24 6.47 4.76 -13.42
N PRO A 25 6.21 3.49 -13.60
CA PRO A 25 7.02 2.74 -14.57
C PRO A 25 6.75 3.09 -16.04
N LEU A 26 5.56 3.52 -16.34
CA LEU A 26 5.32 4.03 -17.67
C LEU A 26 6.19 5.27 -17.92
N LEU A 27 6.18 6.24 -17.02
CA LEU A 27 6.97 7.41 -17.22
C LEU A 27 8.45 7.05 -17.31
N GLU A 28 8.86 6.16 -16.45
CA GLU A 28 10.28 5.78 -16.44
C GLU A 28 10.75 4.96 -17.66
N SER A 29 9.88 4.19 -18.29
CA SER A 29 10.25 3.46 -19.50
C SER A 29 10.36 4.38 -20.70
N ALA A 30 9.76 5.56 -20.61
CA ALA A 30 9.94 6.63 -21.58
C ALA A 30 11.18 7.43 -21.30
N GLY A 31 11.89 7.16 -20.19
CA GLY A 31 13.19 7.77 -19.93
C GLY A 31 13.05 8.88 -18.96
N HIS A 32 11.82 9.20 -18.52
CA HIS A 32 11.67 10.22 -17.48
C HIS A 32 12.11 9.71 -16.05
N ARG A 33 12.41 10.65 -15.20
CA ARG A 33 12.63 10.41 -13.79
C ARG A 33 11.29 10.71 -13.08
N VAL A 34 10.99 9.90 -12.07
CA VAL A 34 9.79 10.07 -11.25
C VAL A 34 10.14 10.00 -9.75
N THR A 35 9.69 10.97 -8.98
CA THR A 35 9.72 10.88 -7.55
C THR A 35 8.25 10.93 -7.14
N ALA A 36 7.78 9.87 -6.47
CA ALA A 36 6.44 9.78 -5.93
C ALA A 36 6.53 10.04 -4.44
N VAL A 37 6.14 11.23 -4.03
CA VAL A 37 6.32 11.72 -2.67
C VAL A 37 5.34 11.03 -1.76
N GLU A 38 5.68 10.82 -0.51
CA GLU A 38 4.75 10.32 0.44
C GLU A 38 4.56 11.39 1.51
N LEU A 39 3.34 11.88 1.65
CA LEU A 39 3.12 13.08 2.47
C LEU A 39 2.97 12.59 3.89
N ALA A 40 2.92 13.55 4.78
CA ALA A 40 2.90 13.14 6.19
C ALA A 40 1.64 12.45 6.55
N ALA A 41 1.75 11.51 7.46
CA ALA A 41 0.66 10.62 7.86
C ALA A 41 -0.15 9.98 6.69
N SER A 42 0.51 9.73 5.58
CA SER A 42 -0.03 9.19 4.41
C SER A 42 0.66 7.89 4.09
N GLY A 43 -0.09 6.90 3.70
CA GLY A 43 0.58 5.75 3.02
C GLY A 43 1.20 5.01 4.18
N ILE A 44 2.47 4.63 4.04
CA ILE A 44 3.18 3.99 5.16
C ILE A 44 3.95 4.98 6.06
N ASP A 45 3.80 6.30 5.87
CA ASP A 45 4.40 7.25 6.79
C ASP A 45 4.03 6.87 8.24
N PRO A 46 4.99 6.99 9.14
CA PRO A 46 4.69 6.43 10.53
C PRO A 46 3.74 7.28 11.42
N ARG A 47 3.42 8.52 11.08
CA ARG A 47 2.59 9.34 11.95
C ARG A 47 1.09 9.18 11.72
N PRO A 48 0.29 9.24 12.77
CA PRO A 48 -1.16 9.37 12.50
C PRO A 48 -1.50 10.79 12.10
N ILE A 49 -2.63 10.95 11.45
CA ILE A 49 -3.04 12.23 10.93
C ILE A 49 -3.21 13.27 12.07
N GLN A 50 -3.58 12.80 13.28
CA GLN A 50 -3.82 13.62 14.52
C GLN A 50 -2.55 14.35 14.83
N ALA A 51 -1.39 13.76 14.53
CA ALA A 51 -0.13 14.38 14.88
C ALA A 51 0.31 15.42 13.85
N VAL A 52 -0.33 15.49 12.69
CA VAL A 52 0.06 16.42 11.64
C VAL A 52 -0.96 17.56 11.59
N GLU A 53 -0.74 18.63 12.27
CA GLU A 53 -1.87 19.53 12.54
C GLU A 53 -2.11 20.58 11.46
N THR A 54 -1.08 20.84 10.67
CA THR A 54 -1.14 21.88 9.72
C THR A 54 -0.88 21.33 8.34
N VAL A 55 -1.38 22.04 7.35
CA VAL A 55 -1.05 21.71 5.99
C VAL A 55 0.45 21.87 5.62
N ASP A 56 1.16 22.75 6.28
CA ASP A 56 2.60 22.83 6.07
C ASP A 56 3.31 21.58 6.56
N GLU A 57 3.01 21.12 7.77
CA GLU A 57 3.57 19.84 8.32
CA GLU A 57 3.60 19.83 8.28
C GLU A 57 3.20 18.69 7.35
N TYR A 58 1.95 18.70 6.91
CA TYR A 58 1.50 17.63 5.97
C TYR A 58 2.29 17.63 4.70
N SER A 59 2.57 18.82 4.21
CA SER A 59 3.25 18.96 2.87
C SER A 59 4.79 18.83 2.87
N LYS A 60 5.34 18.78 4.07
CA LYS A 60 6.75 18.87 4.34
C LYS A 60 7.58 17.90 3.52
N PRO A 61 7.15 16.62 3.38
CA PRO A 61 7.94 15.75 2.44
C PRO A 61 8.02 16.30 1.01
N LEU A 62 7.06 17.04 0.53
CA LEU A 62 7.17 17.57 -0.81
C LEU A 62 8.18 18.72 -0.81
N ILE A 63 8.05 19.60 0.16
CA ILE A 63 9.04 20.72 0.29
C ILE A 63 10.49 20.16 0.38
N GLU A 64 10.70 19.15 1.24
CA GLU A 64 12.03 18.57 1.35
C GLU A 64 12.52 17.93 0.02
N THR A 65 11.67 17.22 -0.74
CA THR A 65 12.04 16.73 -2.03
C THR A 65 12.52 17.85 -2.99
N LEU A 66 11.81 18.97 -3.05
CA LEU A 66 12.23 20.08 -3.89
C LEU A 66 13.53 20.73 -3.40
N LYS A 67 13.65 20.92 -2.10
CA LYS A 67 14.85 21.49 -1.48
C LYS A 67 16.08 20.66 -1.78
N SER A 68 15.94 19.37 -1.73
CA SER A 68 17.09 18.57 -1.97
C SER A 68 17.45 18.44 -3.50
N LEU A 69 16.74 19.03 -4.46
CA LEU A 69 17.10 18.82 -5.87
C LEU A 69 18.40 19.55 -6.16
N PRO A 70 19.30 18.98 -7.01
CA PRO A 70 20.48 19.82 -7.36
C PRO A 70 20.15 21.25 -7.91
N GLU A 71 21.05 22.21 -7.65
CA GLU A 71 20.84 23.62 -8.06
C GLU A 71 20.45 23.71 -9.56
N ASN A 72 19.46 24.53 -9.87
CA ASN A 72 18.95 24.72 -11.24
C ASN A 72 18.14 23.55 -11.85
N GLU A 73 17.97 22.39 -11.19
CA GLU A 73 17.01 21.46 -11.69
C GLU A 73 15.59 22.02 -11.57
N GLU A 74 14.78 21.85 -12.58
CA GLU A 74 13.35 22.14 -12.50
C GLU A 74 12.57 20.83 -12.77
N VAL A 75 11.36 20.72 -12.26
CA VAL A 75 10.48 19.54 -12.37
C VAL A 75 9.14 19.85 -12.97
N ILE A 76 8.44 18.79 -13.37
CA ILE A 76 7.04 18.83 -13.66
C ILE A 76 6.37 18.32 -12.42
N LEU A 77 5.62 19.21 -11.75
CA LEU A 77 5.02 18.88 -10.47
C LEU A 77 3.54 18.59 -10.58
N VAL A 78 3.18 17.35 -10.36
CA VAL A 78 1.82 16.93 -10.57
C VAL A 78 1.15 16.78 -9.22
N GLY A 79 0.01 17.44 -9.03
CA GLY A 79 -0.76 17.38 -7.78
C GLY A 79 -2.15 16.79 -8.07
N PHE A 80 -2.57 15.77 -7.34
CA PHE A 80 -3.82 15.06 -7.52
C PHE A 80 -4.75 15.39 -6.38
N SER A 81 -5.90 16.00 -6.73
CA SER A 81 -6.99 16.21 -5.79
C SER A 81 -6.52 17.21 -4.79
N PHE A 82 -6.45 16.91 -3.51
CA PHE A 82 -5.97 17.86 -2.53
C PHE A 82 -4.50 18.14 -2.81
N GLY A 83 -3.78 17.22 -3.53
CA GLY A 83 -2.46 17.50 -4.04
C GLY A 83 -2.30 18.82 -4.76
N GLY A 84 -3.38 19.27 -5.38
CA GLY A 84 -3.41 20.64 -5.89
C GLY A 84 -2.98 21.71 -4.90
N ILE A 85 -3.52 21.68 -3.70
CA ILE A 85 -3.17 22.62 -2.66
C ILE A 85 -1.70 22.37 -2.32
N ASN A 86 -1.28 21.10 -2.20
CA ASN A 86 0.13 20.84 -1.90
C ASN A 86 1.09 21.46 -2.86
N ILE A 87 0.78 21.36 -4.16
CA ILE A 87 1.72 21.85 -5.14
C ILE A 87 1.73 23.38 -5.22
N ALA A 88 0.59 24.02 -4.87
CA ALA A 88 0.50 25.47 -4.84
C ALA A 88 1.32 25.97 -3.64
N LEU A 89 1.19 25.30 -2.49
CA LEU A 89 2.04 25.63 -1.35
C LEU A 89 3.52 25.57 -1.71
N ALA A 90 3.86 24.52 -2.42
CA ALA A 90 5.25 24.34 -2.80
C ALA A 90 5.71 25.36 -3.83
N ALA A 91 4.80 25.69 -4.76
CA ALA A 91 5.16 26.67 -5.81
C ALA A 91 5.34 28.06 -5.23
N ASP A 92 4.79 28.26 -4.05
CA ASP A 92 4.88 29.54 -3.43
C ASP A 92 6.22 29.59 -2.72
N ILE A 93 6.87 28.45 -2.53
CA ILE A 93 8.15 28.47 -1.87
C ILE A 93 9.20 28.40 -2.90
N PHE A 94 9.07 27.47 -3.86
CA PHE A 94 10.18 27.19 -4.75
C PHE A 94 9.76 27.36 -6.20
N PRO A 95 9.31 28.54 -6.59
CA PRO A 95 8.74 28.78 -7.91
C PRO A 95 9.67 28.49 -9.04
N ALA A 96 10.95 28.73 -8.88
CA ALA A 96 11.80 28.52 -9.99
C ALA A 96 12.34 27.08 -10.10
N LYS A 97 11.99 26.18 -9.18
CA LYS A 97 12.22 24.71 -9.39
C LYS A 97 11.08 24.06 -10.11
N ILE A 98 10.06 24.82 -10.46
CA ILE A 98 8.93 24.19 -11.08
C ILE A 98 8.75 24.70 -12.48
N LYS A 99 8.80 23.79 -13.43
CA LYS A 99 8.68 24.20 -14.84
C LYS A 99 7.24 24.36 -15.15
N VAL A 100 6.41 23.39 -14.72
CA VAL A 100 4.97 23.47 -14.82
C VAL A 100 4.27 22.71 -13.70
N LEU A 101 3.19 23.27 -13.17
CA LEU A 101 2.27 22.60 -12.21
C LEU A 101 1.21 21.89 -13.00
N VAL A 102 0.99 20.60 -12.70
CA VAL A 102 -0.10 19.85 -13.34
C VAL A 102 -1.17 19.59 -12.33
N PHE A 103 -2.30 20.26 -12.45
CA PHE A 103 -3.44 20.08 -11.60
C PHE A 103 -4.28 18.92 -12.17
N LEU A 104 -4.19 17.77 -11.49
CA LEU A 104 -4.73 16.51 -11.94
C LEU A 104 -5.99 16.19 -11.14
N ASN A 105 -7.18 16.32 -11.73
CA ASN A 105 -8.45 16.11 -11.00
C ASN A 105 -8.35 16.81 -9.57
N ALA A 106 -7.88 18.06 -9.59
CA ALA A 106 -7.32 18.72 -8.42
C ALA A 106 -8.06 20.02 -8.03
N PHE A 107 -7.86 20.41 -6.78
CA PHE A 107 -8.21 21.74 -6.29
C PHE A 107 -7.19 22.70 -6.85
N LEU A 108 -7.68 23.77 -7.51
CA LEU A 108 -6.86 24.80 -8.11
C LEU A 108 -7.21 26.08 -7.35
N PRO A 109 -6.38 26.43 -6.33
CA PRO A 109 -6.61 27.64 -5.56
C PRO A 109 -6.18 28.87 -6.37
N ASP A 110 -6.70 30.03 -5.96
CA ASP A 110 -6.34 31.32 -6.50
C ASP A 110 -5.43 32.16 -5.54
N THR A 111 -5.14 33.39 -5.98
CA THR A 111 -4.34 34.34 -5.18
C THR A 111 -5.21 35.44 -4.53
N THR A 112 -6.49 35.39 -4.81
CA THR A 112 -7.46 36.36 -4.31
C THR A 112 -8.10 36.01 -3.01
N HIS A 113 -8.61 34.79 -2.83
CA HIS A 113 -9.36 34.42 -1.64
C HIS A 113 -8.50 33.59 -0.67
N VAL A 114 -9.02 33.31 0.52
CA VAL A 114 -8.28 32.54 1.56
C VAL A 114 -7.89 31.15 0.95
N PRO A 115 -6.82 30.51 1.50
CA PRO A 115 -6.42 29.23 0.82
C PRO A 115 -7.48 28.10 0.79
N SER A 116 -8.37 28.05 1.77
CA SER A 116 -9.48 27.09 1.79
C SER A 116 -10.61 27.32 0.78
N HIS A 117 -10.56 28.38 0.01
CA HIS A 117 -11.78 28.88 -0.74
C HIS A 117 -12.34 27.77 -1.66
N VAL A 118 -11.51 27.08 -2.43
CA VAL A 118 -12.10 26.08 -3.35
C VAL A 118 -12.56 24.88 -2.60
N LEU A 119 -11.96 24.60 -1.43
CA LEU A 119 -12.38 23.44 -0.67
C LEU A 119 -13.76 23.75 -0.06
N ASP A 120 -13.89 24.93 0.52
CA ASP A 120 -15.16 25.25 1.22
C ASP A 120 -16.30 25.20 0.17
N LYS A 121 -16.01 25.62 -1.04
CA LYS A 121 -16.99 25.63 -2.10
C LYS A 121 -17.42 24.19 -2.40
N LEU A 122 -16.44 23.28 -2.53
CA LEU A 122 -16.79 21.98 -2.90
C LEU A 122 -17.54 21.33 -1.73
N MET A 123 -17.10 21.60 -0.51
CA MET A 123 -17.80 21.03 0.65
C MET A 123 -19.33 21.41 0.71
N GLU A 124 -19.66 22.66 0.44
CA GLU A 124 -21.08 23.13 0.42
C GLU A 124 -21.89 22.41 -0.64
N MET A 125 -21.24 22.07 -1.75
CA MET A 125 -21.95 21.60 -2.99
C MET A 125 -21.96 20.08 -3.14
N PHE A 126 -21.03 19.39 -2.47
CA PHE A 126 -20.88 17.96 -2.62
C PHE A 126 -22.00 17.29 -1.88
N GLY A 127 -22.60 16.23 -2.38
CA GLY A 127 -23.73 15.61 -1.63
C GLY A 127 -23.76 14.11 -1.89
N GLY A 128 -23.55 13.31 -0.87
CA GLY A 128 -23.27 11.88 -1.09
C GLY A 128 -21.90 11.41 -0.64
N TRP A 129 -21.52 11.91 0.52
CA TRP A 129 -20.53 11.27 1.35
C TRP A 129 -20.68 9.76 1.71
N GLY A 130 -21.91 9.21 1.65
CA GLY A 130 -22.18 7.77 1.69
C GLY A 130 -21.75 7.24 3.03
N ASP A 131 -20.84 6.26 3.04
CA ASP A 131 -20.39 5.75 4.34
C ASP A 131 -19.11 6.42 4.86
N THR A 132 -18.74 7.61 4.37
CA THR A 132 -17.52 8.25 4.81
C THR A 132 -17.73 8.61 6.24
N GLU A 133 -16.70 8.55 7.08
CA GLU A 133 -16.86 8.81 8.54
CA GLU A 133 -16.83 8.75 8.52
C GLU A 133 -16.03 10.03 8.83
N PHE A 134 -16.71 11.06 9.36
CA PHE A 134 -16.14 12.34 9.71
C PHE A 134 -15.92 12.38 11.18
N SER A 135 -14.92 13.09 11.62
CA SER A 135 -14.72 13.32 13.07
C SER A 135 -13.79 14.47 13.23
N SER A 136 -13.50 14.88 14.42
CA SER A 136 -12.55 15.95 14.56
C SER A 136 -11.67 15.82 15.78
N HIS A 137 -10.54 16.49 15.77
CA HIS A 137 -9.57 16.27 16.86
C HIS A 137 -9.22 17.68 17.30
N GLU A 138 -9.27 17.89 18.61
CA GLU A 138 -8.98 19.21 19.12
C GLU A 138 -7.50 19.34 19.30
N THR A 139 -6.91 20.43 18.81
CA THR A 139 -5.50 20.71 18.95
C THR A 139 -5.43 22.00 19.76
N ARG A 140 -4.22 22.37 20.12
CA ARG A 140 -4.04 23.52 20.94
C ARG A 140 -4.38 24.74 20.09
N ASN A 141 -4.38 24.64 18.74
CA ASN A 141 -4.77 25.80 17.89
C ASN A 141 -6.16 25.82 17.31
N GLY A 142 -7.03 24.86 17.64
CA GLY A 142 -8.36 24.82 17.02
C GLY A 142 -8.76 23.38 16.62
N THR A 143 -10.04 23.20 16.33
CA THR A 143 -10.45 21.93 15.85
C THR A 143 -9.86 21.59 14.48
N MET A 144 -9.49 20.35 14.34
CA MET A 144 -9.09 19.82 13.08
C MET A 144 -10.07 18.77 12.60
N SER A 145 -10.65 19.00 11.42
CA SER A 145 -11.61 18.09 10.84
C SER A 145 -10.92 16.94 10.15
N LEU A 146 -11.38 15.75 10.44
CA LEU A 146 -10.77 14.54 9.89
C LEU A 146 -11.82 13.76 9.10
N LEU A 147 -11.33 12.91 8.20
CA LEU A 147 -12.24 12.00 7.49
C LEU A 147 -11.59 10.71 7.11
N LYS A 148 -12.42 9.66 7.09
CA LYS A 148 -12.00 8.36 6.66
C LYS A 148 -13.10 7.88 5.69
N MET A 149 -12.71 7.67 4.45
CA MET A 149 -13.63 7.25 3.46
C MET A 149 -14.30 5.92 3.91
N GLY A 150 -15.57 5.74 3.48
CA GLY A 150 -16.14 4.41 3.56
C GLY A 150 -15.98 3.71 2.20
N PRO A 151 -15.98 2.41 2.27
CA PRO A 151 -15.77 1.64 1.08
C PRO A 151 -16.92 1.81 0.02
N LYS A 152 -18.17 2.00 0.41
CA LYS A 152 -19.23 2.19 -0.61
C LYS A 152 -19.02 3.47 -1.39
N PHE A 153 -18.69 4.50 -0.67
CA PHE A 153 -18.33 5.76 -1.18
C PHE A 153 -17.14 5.65 -2.14
N MET A 154 -16.13 4.86 -1.73
CA MET A 154 -14.98 4.65 -2.53
C MET A 154 -15.36 4.07 -3.87
N LYS A 155 -16.14 3.00 -3.84
CA LYS A 155 -16.49 2.27 -5.04
C LYS A 155 -17.28 3.16 -5.97
N ALA A 156 -18.18 3.94 -5.39
CA ALA A 156 -19.15 4.68 -6.21
C ALA A 156 -18.62 5.99 -6.76
N ARG A 157 -17.78 6.65 -5.98
CA ARG A 157 -17.37 8.02 -6.26
C ARG A 157 -15.92 8.23 -6.69
N LEU A 158 -15.03 7.34 -6.27
CA LEU A 158 -13.61 7.42 -6.69
C LEU A 158 -13.12 6.38 -7.68
N TYR A 159 -13.52 5.14 -7.48
CA TYR A 159 -12.90 3.94 -8.12
C TYR A 159 -13.89 3.25 -9.08
N GLN A 160 -15.01 3.88 -9.46
CA GLN A 160 -16.10 3.12 -10.17
C GLN A 160 -15.65 2.61 -11.54
N ASN A 161 -14.63 3.18 -12.18
CA ASN A 161 -14.03 2.64 -13.41
C ASN A 161 -12.73 1.94 -13.25
N CYS A 162 -12.29 1.69 -12.01
CA CYS A 162 -11.06 0.94 -11.80
C CYS A 162 -11.21 -0.57 -11.78
N PRO A 163 -10.14 -1.28 -12.18
CA PRO A 163 -10.13 -2.72 -11.98
C PRO A 163 -10.43 -3.02 -10.50
N ILE A 164 -11.22 -4.04 -10.30
CA ILE A 164 -11.57 -4.48 -8.98
C ILE A 164 -10.34 -4.69 -8.08
N GLU A 165 -9.24 -5.21 -8.64
CA GLU A 165 -8.01 -5.41 -7.88
CA GLU A 165 -7.90 -5.38 -8.03
C GLU A 165 -7.53 -4.09 -7.27
N ASP A 166 -7.58 -3.01 -8.02
CA ASP A 166 -7.29 -1.68 -7.51
C ASP A 166 -8.23 -1.18 -6.42
N TYR A 167 -9.53 -1.42 -6.59
CA TYR A 167 -10.48 -1.15 -5.49
C TYR A 167 -10.07 -1.92 -4.25
N GLU A 168 -9.76 -3.22 -4.39
CA GLU A 168 -9.40 -3.99 -3.23
C GLU A 168 -8.08 -3.46 -2.51
N LEU A 169 -7.16 -3.05 -3.33
CA LEU A 169 -5.89 -2.58 -2.92
C LEU A 169 -6.12 -1.32 -2.07
N ALA A 170 -6.99 -0.47 -2.56
CA ALA A 170 -7.23 0.79 -1.90
C ALA A 170 -7.90 0.57 -0.58
N LYS A 171 -8.81 -0.43 -0.52
CA LYS A 171 -9.45 -0.73 0.77
C LYS A 171 -8.44 -1.26 1.80
N MET A 172 -7.37 -1.92 1.36
CA MET A 172 -6.28 -2.32 2.31
C MET A 172 -5.30 -1.22 2.70
N LEU A 173 -5.32 -0.09 2.00
CA LEU A 173 -4.36 0.93 2.23
C LEU A 173 -4.88 2.29 2.61
N HIS A 174 -6.13 2.63 2.24
CA HIS A 174 -6.57 4.02 2.52
C HIS A 174 -6.52 4.27 4.04
N ARG A 175 -6.33 5.51 4.39
CA ARG A 175 -6.28 5.94 5.82
C ARG A 175 -7.10 7.17 6.10
N GLN A 176 -7.38 7.33 7.38
CA GLN A 176 -7.93 8.55 7.87
C GLN A 176 -6.98 9.67 7.51
N GLY A 177 -7.58 10.81 7.15
CA GLY A 177 -6.94 12.00 6.61
C GLY A 177 -7.67 13.31 6.94
N SER A 178 -7.27 14.36 6.28
CA SER A 178 -7.81 15.64 6.48
C SER A 178 -7.62 16.47 5.25
N PHE A 179 -8.56 17.39 5.05
CA PHE A 179 -8.35 18.51 4.11
C PHE A 179 -7.84 19.77 4.76
N PHE A 180 -7.54 19.76 6.07
CA PHE A 180 -6.91 20.93 6.75
C PHE A 180 -7.66 22.29 6.53
N THR A 181 -8.99 22.24 6.42
CA THR A 181 -9.74 23.40 6.01
C THR A 181 -9.68 24.51 7.07
N GLU A 182 -9.65 24.20 8.34
CA GLU A 182 -9.50 25.25 9.35
C GLU A 182 -8.12 25.92 9.22
N ASP A 183 -7.04 25.11 9.07
CA ASP A 183 -5.68 25.64 9.01
C ASP A 183 -5.51 26.52 7.77
N LEU A 184 -6.07 26.03 6.67
CA LEU A 184 -6.00 26.71 5.39
C LEU A 184 -6.83 28.03 5.40
N SER A 185 -7.96 28.06 6.10
CA SER A 185 -8.74 29.30 6.26
C SER A 185 -7.96 30.40 6.98
N LYS A 186 -6.94 30.07 7.78
CA LYS A 186 -6.19 31.05 8.57
C LYS A 186 -4.88 31.41 7.93
N LYS A 187 -4.57 30.82 6.80
CA LYS A 187 -3.24 30.92 6.28
C LYS A 187 -3.20 32.11 5.36
N GLU A 188 -2.04 32.73 5.18
CA GLU A 188 -1.92 33.86 4.25
CA GLU A 188 -1.85 33.85 4.20
C GLU A 188 -2.29 33.38 2.83
N LYS A 189 -2.94 34.24 2.06
CA LYS A 189 -3.25 34.01 0.65
C LYS A 189 -2.04 33.45 -0.09
N PHE A 190 -2.29 32.62 -1.10
CA PHE A 190 -1.21 32.27 -2.06
C PHE A 190 -0.82 33.55 -2.80
N SER A 191 0.46 33.69 -3.07
CA SER A 191 1.06 34.90 -3.64
C SER A 191 1.10 34.88 -5.20
N GLU A 192 1.02 36.08 -5.78
CA GLU A 192 1.22 36.22 -7.22
C GLU A 192 2.70 36.06 -7.61
N GLU A 193 3.58 36.55 -6.74
CA GLU A 193 5.03 36.52 -7.01
C GLU A 193 5.56 35.09 -7.04
N GLY A 194 5.10 34.27 -6.11
CA GLY A 194 5.53 32.84 -6.02
C GLY A 194 4.60 31.95 -6.87
N TYR A 195 3.54 31.43 -6.23
CA TYR A 195 2.62 30.52 -6.97
C TYR A 195 2.10 31.05 -8.32
N GLY A 196 1.63 32.29 -8.29
CA GLY A 196 1.02 32.95 -9.46
C GLY A 196 1.88 33.04 -10.68
N SER A 197 3.19 33.04 -10.45
CA SER A 197 4.11 33.18 -11.52
C SER A 197 4.37 31.88 -12.21
N VAL A 198 4.01 30.72 -11.63
CA VAL A 198 4.45 29.45 -12.22
C VAL A 198 3.50 29.01 -13.35
N GLN A 199 4.04 28.44 -14.41
CA GLN A 199 3.17 27.90 -15.43
C GLN A 199 2.24 26.79 -14.85
N ARG A 200 0.99 26.75 -15.28
CA ARG A 200 0.04 25.73 -14.84
C ARG A 200 -0.92 25.24 -15.89
N VAL A 201 -1.19 23.94 -15.86
CA VAL A 201 -2.19 23.26 -16.68
C VAL A 201 -3.13 22.43 -15.79
N TYR A 202 -4.26 22.00 -16.37
CA TYR A 202 -5.26 21.26 -15.65
C TYR A 202 -5.55 20.02 -16.46
N VAL A 203 -5.60 18.85 -15.81
CA VAL A 203 -5.95 17.60 -16.48
C VAL A 203 -7.18 17.05 -15.75
N MET A 204 -8.29 16.88 -16.45
CA MET A 204 -9.55 16.47 -15.84
C MET A 204 -9.96 15.16 -16.45
N SER A 205 -10.68 14.38 -15.66
CA SER A 205 -11.14 13.09 -16.06
C SER A 205 -12.61 13.20 -16.39
N SER A 206 -13.04 12.52 -17.48
CA SER A 206 -14.41 12.79 -18.00
C SER A 206 -15.44 12.18 -17.04
N GLU A 207 -15.07 11.17 -16.24
CA GLU A 207 -16.08 10.53 -15.36
C GLU A 207 -15.70 10.61 -13.84
N ASP A 208 -15.10 11.74 -13.51
CA ASP A 208 -14.72 12.02 -12.17
C ASP A 208 -15.99 12.27 -11.38
N LYS A 209 -16.37 11.38 -10.45
CA LYS A 209 -17.60 11.62 -9.68
C LYS A 209 -17.31 12.38 -8.36
N ILE A 210 -16.14 13.01 -8.24
CA ILE A 210 -15.79 13.88 -7.12
C ILE A 210 -15.66 15.34 -7.50
N ILE A 211 -14.84 15.57 -8.50
CA ILE A 211 -14.54 16.88 -8.99
C ILE A 211 -15.32 17.04 -10.29
N PRO A 212 -16.54 17.60 -10.23
CA PRO A 212 -17.33 17.68 -11.49
C PRO A 212 -16.91 18.81 -12.46
N CYS A 213 -17.32 18.72 -13.72
CA CYS A 213 -17.03 19.71 -14.78
C CYS A 213 -17.36 21.12 -14.32
N ASP A 214 -18.60 21.34 -13.81
CA ASP A 214 -19.01 22.69 -13.39
CA ASP A 214 -19.03 22.68 -13.37
C ASP A 214 -18.03 23.31 -12.40
N PHE A 215 -17.60 22.52 -11.41
CA PHE A 215 -16.71 23.00 -10.36
C PHE A 215 -15.34 23.34 -10.91
N ILE A 216 -14.83 22.55 -11.83
CA ILE A 216 -13.57 22.91 -12.53
C ILE A 216 -13.65 24.22 -13.26
N ARG A 217 -14.68 24.37 -14.11
CA ARG A 217 -14.95 25.63 -14.88
C ARG A 217 -14.84 26.75 -13.93
N TRP A 218 -15.66 26.63 -12.90
CA TRP A 218 -15.65 27.58 -11.82
C TRP A 218 -14.23 27.92 -11.34
N MET A 219 -13.44 26.89 -10.97
CA MET A 219 -12.08 27.16 -10.46
C MET A 219 -11.20 27.82 -11.53
N ILE A 220 -11.24 27.29 -12.74
CA ILE A 220 -10.47 27.86 -13.84
C ILE A 220 -10.84 29.35 -14.12
N ASP A 221 -12.16 29.63 -14.11
CA ASP A 221 -12.65 31.01 -14.15
C ASP A 221 -12.16 31.94 -13.06
N ASN A 222 -11.99 31.43 -11.84
CA ASN A 222 -11.32 32.20 -10.78
C ASN A 222 -9.80 32.35 -11.01
N PHE A 223 -9.16 31.41 -11.70
CA PHE A 223 -7.70 31.39 -11.71
C PHE A 223 -7.28 30.62 -12.94
N ASN A 224 -7.11 31.33 -14.04
CA ASN A 224 -6.91 30.68 -15.33
C ASN A 224 -5.69 29.75 -15.39
N VAL A 225 -5.69 28.92 -16.43
CA VAL A 225 -4.59 28.02 -16.72
C VAL A 225 -4.13 28.14 -18.16
N SER A 226 -2.91 27.68 -18.45
CA SER A 226 -2.39 27.63 -19.84
C SER A 226 -3.19 26.77 -20.73
N LYS A 227 -3.66 25.66 -20.21
CA LYS A 227 -4.20 24.60 -21.04
C LYS A 227 -4.90 23.51 -20.24
N VAL A 228 -6.02 23.00 -20.79
CA VAL A 228 -6.83 21.99 -20.16
C VAL A 228 -6.76 20.77 -21.00
N TYR A 229 -6.50 19.60 -20.35
CA TYR A 229 -6.56 18.27 -20.99
C TYR A 229 -7.67 17.48 -20.36
N GLU A 230 -8.28 16.61 -21.16
CA GLU A 230 -9.32 15.73 -20.67
C GLU A 230 -8.97 14.25 -20.93
N ILE A 231 -9.14 13.41 -19.93
CA ILE A 231 -8.87 12.01 -20.04
C ILE A 231 -10.20 11.30 -20.11
N ASP A 232 -10.30 10.64 -21.24
CA ASP A 232 -11.58 10.15 -21.65
C ASP A 232 -11.90 8.82 -20.89
N GLY A 233 -13.00 8.79 -20.12
CA GLY A 233 -13.39 7.59 -19.46
C GLY A 233 -12.70 7.43 -18.08
N GLY A 234 -11.87 8.39 -17.64
CA GLY A 234 -11.22 8.23 -16.32
C GLY A 234 -12.15 8.54 -15.18
N ASP A 235 -12.01 7.77 -14.08
CA ASP A 235 -12.68 8.10 -12.83
C ASP A 235 -11.80 9.03 -12.03
N HIS A 236 -12.15 9.37 -10.79
CA HIS A 236 -11.34 10.29 -10.00
C HIS A 236 -9.94 9.66 -9.99
N MET A 237 -9.83 8.34 -9.80
CA MET A 237 -8.52 7.69 -9.59
C MET A 237 -7.96 7.28 -10.94
N VAL A 238 -7.72 8.34 -11.76
CA VAL A 238 -7.35 8.18 -13.19
C VAL A 238 -6.04 7.50 -13.32
N MET A 239 -5.17 7.63 -12.32
CA MET A 239 -3.86 6.91 -12.41
C MET A 239 -3.94 5.42 -12.26
N LEU A 240 -5.05 4.97 -11.78
CA LEU A 240 -5.45 3.56 -11.68
C LEU A 240 -6.43 3.17 -12.76
N SER A 241 -7.45 3.98 -13.10
CA SER A 241 -8.43 3.54 -14.14
C SER A 241 -7.89 3.67 -15.56
N LYS A 242 -7.09 4.70 -15.79
CA LYS A 242 -6.63 4.98 -17.17
C LYS A 242 -5.16 5.46 -17.12
N PRO A 243 -4.28 4.62 -16.53
CA PRO A 243 -2.89 5.06 -16.51
C PRO A 243 -2.24 5.33 -17.91
N GLN A 244 -2.60 4.54 -18.91
CA GLN A 244 -2.02 4.79 -20.25
C GLN A 244 -2.36 6.22 -20.76
N LYS A 245 -3.62 6.60 -20.64
CA LYS A 245 -4.01 7.93 -21.13
C LYS A 245 -3.45 9.01 -20.25
N LEU A 246 -3.26 8.72 -18.99
CA LEU A 246 -2.69 9.73 -18.13
C LEU A 246 -1.25 9.91 -18.55
N PHE A 247 -0.56 8.81 -18.86
CA PHE A 247 0.75 8.89 -19.46
C PHE A 247 0.75 9.82 -20.68
N ASP A 248 -0.17 9.60 -21.63
CA ASP A 248 -0.26 10.38 -22.87
C ASP A 248 -0.42 11.87 -22.54
N SER A 249 -1.24 12.25 -21.57
CA SER A 249 -1.38 13.67 -21.25
C SER A 249 -0.10 14.27 -20.68
N LEU A 250 0.55 13.55 -19.77
CA LEU A 250 1.77 14.03 -19.17
C LEU A 250 2.87 14.08 -20.20
N SER A 251 2.92 13.21 -21.21
CA SER A 251 3.94 13.34 -22.31
C SER A 251 3.66 14.57 -23.21
N ALA A 252 2.40 14.78 -23.52
CA ALA A 252 2.04 16.05 -24.19
C ALA A 252 2.50 17.31 -23.41
N ILE A 253 2.27 17.28 -22.09
CA ILE A 253 2.66 18.38 -21.23
C ILE A 253 4.15 18.47 -21.27
N ALA A 254 4.89 17.36 -21.18
CA ALA A 254 6.34 17.45 -21.27
C ALA A 254 6.79 18.12 -22.61
N THR A 255 6.13 17.79 -23.72
CA THR A 255 6.46 18.29 -25.09
C THR A 255 6.26 19.80 -25.20
N ASP A 256 5.17 20.34 -24.62
CA ASP A 256 5.00 21.79 -24.55
C ASP A 256 6.04 22.52 -23.70
N TYR A 257 6.62 21.86 -22.68
CA TYR A 257 7.66 22.50 -21.83
C TYR A 257 9.05 21.91 -22.08
N MET A 258 9.20 21.29 -23.27
CA MET A 258 10.49 20.86 -23.87
C MET A 258 11.70 21.63 -23.36
N GLY A 259 12.78 20.91 -23.01
CA GLY A 259 14.03 21.51 -22.56
C GLY A 259 14.96 21.94 -23.70
N LEU A 260 15.48 23.18 -23.59
CA LEU A 260 16.57 23.80 -24.45
C LEU A 260 16.33 23.67 -25.96
N MET B 1 -24.83 -25.70 -5.92
CA MET B 1 -23.50 -25.06 -5.65
C MET B 1 -22.71 -25.87 -4.60
N GLU B 2 -21.40 -26.08 -4.83
CA GLU B 2 -20.49 -26.54 -3.72
C GLU B 2 -20.47 -25.48 -2.56
N ARG B 3 -20.38 -25.97 -1.33
CA ARG B 3 -20.14 -25.16 -0.16
C ARG B 3 -18.81 -24.42 -0.35
N LYS B 4 -18.89 -23.12 -0.12
CA LYS B 4 -17.77 -22.20 -0.21
C LYS B 4 -17.17 -22.06 1.19
N HIS B 5 -16.01 -21.44 1.30
CA HIS B 5 -15.25 -21.32 2.52
C HIS B 5 -14.87 -19.87 2.89
N HIS B 6 -14.35 -19.70 4.10
CA HIS B 6 -13.78 -18.45 4.53
C HIS B 6 -12.24 -18.67 4.52
N PHE B 7 -11.53 -17.94 3.65
CA PHE B 7 -10.03 -17.97 3.64
C PHE B 7 -9.57 -16.77 4.45
N VAL B 8 -8.71 -17.04 5.45
CA VAL B 8 -7.98 -16.00 6.17
C VAL B 8 -6.55 -16.06 5.62
N LEU B 9 -6.06 -14.91 5.12
CA LEU B 9 -4.83 -14.78 4.44
C LEU B 9 -3.84 -13.95 5.28
N VAL B 10 -2.65 -14.52 5.46
CA VAL B 10 -1.64 -13.93 6.42
C VAL B 10 -0.41 -13.74 5.64
N HIS B 11 -0.05 -12.47 5.54
CA HIS B 11 1.13 -12.01 4.78
C HIS B 11 2.51 -12.25 5.45
N ASN B 12 3.55 -11.95 4.67
CA ASN B 12 4.93 -12.16 5.06
C ASN B 12 5.45 -10.94 5.79
N ALA B 13 6.56 -11.16 6.49
CA ALA B 13 7.28 -10.08 7.17
C ALA B 13 7.67 -9.03 6.17
N CYS B 14 7.71 -7.77 6.61
CA CYS B 14 8.05 -6.59 5.86
C CYS B 14 7.01 -6.17 4.84
N HIS B 15 5.90 -6.89 4.77
CA HIS B 15 4.82 -6.62 3.81
C HIS B 15 3.57 -6.50 4.64
N GLY B 16 2.40 -6.64 4.01
CA GLY B 16 1.15 -6.36 4.65
C GLY B 16 0.02 -6.94 3.84
N ALA B 17 -1.22 -6.60 4.23
CA ALA B 17 -2.42 -7.18 3.72
C ALA B 17 -2.52 -6.94 2.25
N TRP B 18 -1.95 -5.83 1.84
CA TRP B 18 -1.95 -5.41 0.44
C TRP B 18 -1.42 -6.42 -0.58
N ILE B 19 -0.49 -7.28 -0.21
CA ILE B 19 -0.03 -8.31 -1.13
C ILE B 19 -1.13 -9.17 -1.70
N TRP B 20 -2.23 -9.26 -0.98
CA TRP B 20 -3.33 -10.07 -1.45
C TRP B 20 -4.32 -9.40 -2.41
N TYR B 21 -3.98 -8.25 -2.91
CA TYR B 21 -4.93 -7.42 -3.58
C TYR B 21 -5.38 -8.08 -4.88
N LYS B 22 -4.57 -8.95 -5.49
CA LYS B 22 -5.05 -9.72 -6.70
C LYS B 22 -5.79 -10.99 -6.31
N LEU B 23 -5.40 -11.67 -5.25
CA LEU B 23 -5.97 -12.95 -4.98
C LEU B 23 -7.41 -12.84 -4.35
N LYS B 24 -7.61 -11.82 -3.52
CA LYS B 24 -8.85 -11.59 -2.80
C LYS B 24 -10.03 -11.51 -3.77
N PRO B 25 -9.93 -10.72 -4.82
CA PRO B 25 -11.19 -10.74 -5.66
C PRO B 25 -11.42 -11.99 -6.48
N LEU B 26 -10.35 -12.68 -6.86
CA LEU B 26 -10.47 -13.96 -7.50
C LEU B 26 -11.28 -14.94 -6.59
N LEU B 27 -10.88 -15.02 -5.34
CA LEU B 27 -11.56 -15.85 -4.37
C LEU B 27 -12.98 -15.39 -4.13
N GLU B 28 -13.19 -14.08 -4.03
CA GLU B 28 -14.55 -13.59 -3.83
C GLU B 28 -15.46 -13.76 -5.04
N SER B 29 -14.94 -13.53 -6.24
CA SER B 29 -15.73 -13.81 -7.45
C SER B 29 -16.22 -15.27 -7.46
N ALA B 30 -15.41 -16.21 -6.98
CA ALA B 30 -15.85 -17.58 -6.85
C ALA B 30 -16.76 -17.83 -5.66
N GLY B 31 -17.17 -16.83 -4.86
CA GLY B 31 -18.23 -17.07 -3.89
C GLY B 31 -17.63 -17.26 -2.50
N HIS B 32 -16.33 -17.22 -2.35
CA HIS B 32 -15.73 -17.38 -0.99
C HIS B 32 -15.63 -16.09 -0.23
N ARG B 33 -15.52 -16.19 1.08
CA ARG B 33 -15.24 -15.03 1.95
CA ARG B 33 -15.24 -15.02 1.97
C ARG B 33 -13.73 -14.98 2.20
N VAL B 34 -13.19 -13.76 2.24
CA VAL B 34 -11.77 -13.59 2.45
C VAL B 34 -11.48 -12.51 3.48
N THR B 35 -10.61 -12.83 4.43
CA THR B 35 -10.15 -11.84 5.44
C THR B 35 -8.65 -11.74 5.24
N ALA B 36 -8.15 -10.57 4.86
CA ALA B 36 -6.69 -10.38 4.77
C ALA B 36 -6.19 -9.61 6.01
N VAL B 37 -5.59 -10.33 6.89
CA VAL B 37 -5.21 -9.77 8.16
C VAL B 37 -4.00 -8.82 8.01
N GLU B 38 -3.87 -7.78 8.81
CA GLU B 38 -2.80 -6.82 8.68
C GLU B 38 -2.15 -6.97 10.02
N LEU B 39 -0.94 -7.53 10.05
CA LEU B 39 -0.29 -7.96 11.29
C LEU B 39 0.34 -6.69 11.91
N ALA B 40 0.89 -6.83 13.11
CA ALA B 40 1.32 -5.62 13.82
C ALA B 40 2.54 -5.05 13.10
N ALA B 41 2.60 -3.74 13.07
CA ALA B 41 3.66 -3.04 12.42
C ALA B 41 3.88 -3.39 10.96
N SER B 42 2.77 -3.75 10.32
CA SER B 42 2.81 -4.19 8.95
C SER B 42 1.84 -3.35 8.18
N GLY B 43 2.21 -3.09 6.95
CA GLY B 43 1.38 -2.41 5.99
C GLY B 43 1.03 -1.04 6.61
N ILE B 44 -0.23 -0.70 6.76
CA ILE B 44 -0.60 0.56 7.37
C ILE B 44 -0.87 0.43 8.83
N ASP B 45 -0.52 -0.65 9.51
CA ASP B 45 -0.60 -0.62 10.96
C ASP B 45 0.20 0.57 11.52
N PRO B 46 -0.34 1.28 12.53
CA PRO B 46 0.31 2.55 12.90
C PRO B 46 1.56 2.35 13.83
N ARG B 47 1.83 1.14 14.25
CA ARG B 47 3.00 0.87 15.09
C ARG B 47 4.28 0.67 14.25
N PRO B 48 5.40 1.27 14.69
CA PRO B 48 6.67 0.85 14.13
C PRO B 48 7.10 -0.55 14.68
N ILE B 49 7.89 -1.28 13.91
CA ILE B 49 8.31 -2.60 14.37
C ILE B 49 9.00 -2.56 15.74
N GLN B 50 9.65 -1.46 16.07
CA GLN B 50 10.36 -1.33 17.29
C GLN B 50 9.38 -1.41 18.44
N ALA B 51 8.08 -1.15 18.21
CA ALA B 51 7.09 -1.22 19.28
C ALA B 51 6.44 -2.57 19.45
N VAL B 52 6.79 -3.53 18.60
CA VAL B 52 6.25 -4.84 18.58
C VAL B 52 7.45 -5.78 18.85
N GLU B 53 7.61 -6.15 20.09
CA GLU B 53 8.83 -6.74 20.53
C GLU B 53 8.74 -8.24 20.59
N THR B 54 7.53 -8.84 20.60
CA THR B 54 7.49 -10.32 20.63
C THR B 54 6.67 -10.82 19.40
N VAL B 55 6.82 -12.09 19.07
CA VAL B 55 6.11 -12.67 17.92
C VAL B 55 4.61 -12.78 18.24
N ASP B 56 4.31 -12.91 19.54
CA ASP B 56 2.97 -12.91 20.00
C ASP B 56 2.30 -11.54 19.80
N GLU B 57 3.01 -10.43 20.08
CA GLU B 57 2.37 -9.15 19.77
CA GLU B 57 2.45 -9.08 19.76
C GLU B 57 2.26 -8.94 18.24
N TYR B 58 3.24 -9.45 17.47
CA TYR B 58 3.20 -9.37 16.02
C TYR B 58 1.95 -10.07 15.46
N SER B 59 1.64 -11.24 16.02
CA SER B 59 0.56 -12.11 15.56
C SER B 59 -0.85 -11.80 16.05
N LYS B 60 -0.95 -10.82 16.95
CA LYS B 60 -2.15 -10.55 17.66
C LYS B 60 -3.33 -10.28 16.74
N PRO B 61 -3.18 -9.42 15.70
CA PRO B 61 -4.31 -9.25 14.81
C PRO B 61 -4.84 -10.55 14.21
N LEU B 62 -4.01 -11.54 13.98
CA LEU B 62 -4.54 -12.82 13.50
C LEU B 62 -5.36 -13.58 14.58
N ILE B 63 -4.78 -13.68 15.75
CA ILE B 63 -5.48 -14.32 16.87
C ILE B 63 -6.84 -13.64 17.09
N GLU B 64 -6.84 -12.33 17.12
CA GLU B 64 -8.11 -11.61 17.35
C GLU B 64 -9.12 -11.88 16.22
N THR B 65 -8.63 -12.02 14.98
CA THR B 65 -9.52 -12.37 13.87
C THR B 65 -10.12 -13.78 14.13
N LEU B 66 -9.32 -14.75 14.49
CA LEU B 66 -9.87 -16.10 14.78
C LEU B 66 -10.81 -16.10 16.00
N LYS B 67 -10.38 -15.42 17.06
CA LYS B 67 -11.20 -15.29 18.20
C LYS B 67 -12.54 -14.68 17.94
N SER B 68 -12.66 -13.73 17.05
CA SER B 68 -13.99 -13.14 16.88
C SER B 68 -14.91 -13.94 15.85
N LEU B 69 -14.50 -15.10 15.35
CA LEU B 69 -15.36 -15.83 14.38
C LEU B 69 -16.56 -16.40 15.11
N PRO B 70 -17.73 -16.47 14.45
CA PRO B 70 -18.82 -17.16 15.21
C PRO B 70 -18.48 -18.64 15.60
N GLU B 71 -19.15 -19.11 16.63
CA GLU B 71 -18.91 -20.47 17.07
C GLU B 71 -19.10 -21.51 15.89
N ASN B 72 -18.25 -22.52 15.89
CA ASN B 72 -18.25 -23.62 14.90
C ASN B 72 -17.81 -23.21 13.52
N GLU B 73 -17.56 -21.91 13.31
CA GLU B 73 -17.04 -21.51 12.04
C GLU B 73 -15.59 -21.97 12.04
N GLU B 74 -15.21 -22.54 10.93
CA GLU B 74 -13.87 -22.98 10.59
C GLU B 74 -13.37 -22.23 9.31
N VAL B 75 -12.06 -21.96 9.23
CA VAL B 75 -11.48 -21.19 8.08
C VAL B 75 -10.38 -22.03 7.45
N ILE B 76 -10.06 -21.67 6.22
CA ILE B 76 -8.86 -22.11 5.55
C ILE B 76 -7.85 -21.03 5.84
N LEU B 77 -6.81 -21.39 6.59
CA LEU B 77 -5.84 -20.47 7.05
C LEU B 77 -4.56 -20.52 6.28
N VAL B 78 -4.29 -19.46 5.55
CA VAL B 78 -3.19 -19.44 4.63
C VAL B 78 -2.11 -18.50 5.13
N GLY B 79 -0.92 -19.02 5.31
CA GLY B 79 0.27 -18.33 5.73
C GLY B 79 1.41 -18.34 4.77
N PHE B 80 1.86 -17.13 4.44
CA PHE B 80 2.80 -16.88 3.37
C PHE B 80 4.15 -16.60 4.07
N SER B 81 5.17 -17.38 3.74
CA SER B 81 6.58 -17.12 4.18
C SER B 81 6.68 -17.15 5.64
N PHE B 82 7.05 -16.04 6.30
CA PHE B 82 7.06 -16.01 7.78
C PHE B 82 5.62 -16.21 8.35
N GLY B 83 4.58 -15.92 7.55
CA GLY B 83 3.18 -16.25 7.84
C GLY B 83 2.94 -17.71 8.24
N GLY B 84 3.84 -18.63 7.86
CA GLY B 84 3.75 -19.94 8.44
C GLY B 84 3.88 -20.02 9.91
N ILE B 85 4.84 -19.25 10.41
CA ILE B 85 5.05 -19.18 11.80
C ILE B 85 3.81 -18.63 12.47
N ASN B 86 3.28 -17.53 11.93
CA ASN B 86 2.08 -16.93 12.49
C ASN B 86 0.93 -17.91 12.55
N ILE B 87 0.74 -18.71 11.49
CA ILE B 87 -0.41 -19.54 11.46
C ILE B 87 -0.27 -20.71 12.40
N ALA B 88 0.94 -21.23 12.52
CA ALA B 88 1.23 -22.27 13.53
C ALA B 88 0.92 -21.78 14.98
N LEU B 89 1.31 -20.53 15.28
CA LEU B 89 1.03 -19.96 16.59
C LEU B 89 -0.47 -19.92 16.74
N ALA B 90 -1.14 -19.55 15.67
CA ALA B 90 -2.63 -19.42 15.72
C ALA B 90 -3.34 -20.78 15.93
N ALA B 91 -2.84 -21.80 15.24
CA ALA B 91 -3.33 -23.18 15.39
C ALA B 91 -3.17 -23.80 16.78
N ASP B 92 -2.14 -23.33 17.50
CA ASP B 92 -1.88 -23.85 18.81
C ASP B 92 -2.82 -23.22 19.80
N ILE B 93 -3.53 -22.15 19.40
CA ILE B 93 -4.49 -21.46 20.23
C ILE B 93 -5.93 -21.81 19.82
N PHE B 94 -6.24 -21.85 18.55
CA PHE B 94 -7.60 -22.08 18.10
C PHE B 94 -7.59 -23.18 17.06
N PRO B 95 -7.11 -24.36 17.43
CA PRO B 95 -7.06 -25.42 16.43
C PRO B 95 -8.43 -25.78 15.83
N ALA B 96 -9.46 -25.77 16.66
CA ALA B 96 -10.78 -26.17 16.18
C ALA B 96 -11.42 -25.16 15.22
N LYS B 97 -10.85 -23.95 15.08
CA LYS B 97 -11.34 -22.93 14.08
C LYS B 97 -10.67 -23.01 12.70
N ILE B 98 -9.82 -23.98 12.51
CA ILE B 98 -9.09 -24.11 11.26
C ILE B 98 -9.38 -25.45 10.60
N LYS B 99 -10.00 -25.39 9.45
CA LYS B 99 -10.20 -26.57 8.68
C LYS B 99 -8.86 -27.12 8.16
N VAL B 100 -7.99 -26.26 7.62
CA VAL B 100 -6.71 -26.66 7.10
C VAL B 100 -5.81 -25.40 7.04
N LEU B 101 -4.54 -25.63 7.39
CA LEU B 101 -3.48 -24.63 7.31
C LEU B 101 -2.81 -24.85 5.94
N VAL B 102 -2.67 -23.79 5.17
CA VAL B 102 -2.01 -23.77 3.92
C VAL B 102 -0.68 -23.03 4.07
N PHE B 103 0.41 -23.82 3.98
CA PHE B 103 1.70 -23.22 3.96
C PHE B 103 2.09 -22.86 2.58
N LEU B 104 2.10 -21.57 2.30
CA LEU B 104 2.39 -20.98 1.02
C LEU B 104 3.79 -20.39 0.99
N ASN B 105 4.75 -21.11 0.34
CA ASN B 105 6.14 -20.67 0.26
C ASN B 105 6.62 -20.28 1.63
N ALA B 106 6.26 -21.13 2.59
CA ALA B 106 6.21 -20.76 3.96
C ALA B 106 7.19 -21.56 4.79
N PHE B 107 7.50 -21.00 5.93
CA PHE B 107 8.15 -21.75 6.97
C PHE B 107 7.17 -22.65 7.68
N LEU B 108 7.53 -23.93 7.74
CA LEU B 108 6.75 -25.01 8.33
C LEU B 108 7.48 -25.54 9.57
N PRO B 109 7.09 -25.04 10.75
CA PRO B 109 7.76 -25.42 12.00
C PRO B 109 7.28 -26.83 12.45
N ASP B 110 8.01 -27.43 13.38
CA ASP B 110 7.60 -28.75 13.85
C ASP B 110 7.20 -28.66 15.29
N THR B 111 6.90 -29.81 15.91
CA THR B 111 6.58 -29.86 17.35
C THR B 111 7.72 -30.40 18.26
N THR B 112 8.89 -30.72 17.71
CA THR B 112 10.03 -31.29 18.45
C THR B 112 11.17 -30.31 18.73
N HIS B 113 11.40 -29.36 17.85
CA HIS B 113 12.46 -28.36 18.02
C HIS B 113 11.90 -26.98 18.49
N VAL B 114 12.81 -26.06 18.84
CA VAL B 114 12.35 -24.71 19.26
C VAL B 114 11.67 -24.06 18.11
N PRO B 115 10.64 -23.23 18.35
CA PRO B 115 9.89 -22.65 17.19
C PRO B 115 10.73 -21.97 16.04
N SER B 116 11.91 -21.44 16.38
CA SER B 116 12.84 -20.80 15.43
C SER B 116 13.65 -21.76 14.50
N HIS B 117 13.57 -23.05 14.82
CA HIS B 117 14.36 -24.09 14.19
C HIS B 117 14.44 -23.97 12.69
N VAL B 118 13.29 -23.94 12.00
CA VAL B 118 13.35 -23.92 10.51
C VAL B 118 13.94 -22.61 9.98
N LEU B 119 13.79 -21.52 10.73
CA LEU B 119 14.42 -20.25 10.29
C LEU B 119 15.94 -20.29 10.52
N ASP B 120 16.37 -20.78 11.66
CA ASP B 120 17.83 -20.87 11.95
C ASP B 120 18.47 -21.70 10.85
N LYS B 121 17.81 -22.77 10.40
CA LYS B 121 18.35 -23.63 9.36
C LYS B 121 18.47 -22.85 8.07
N LEU B 122 17.44 -22.09 7.67
CA LEU B 122 17.55 -21.41 6.37
C LEU B 122 18.59 -20.31 6.48
N MET B 123 18.56 -19.60 7.59
CA MET B 123 19.49 -18.52 7.82
C MET B 123 20.94 -18.91 7.66
N GLU B 124 21.30 -20.13 8.05
CA GLU B 124 22.68 -20.64 7.98
C GLU B 124 23.15 -20.82 6.56
N MET B 125 22.27 -21.37 5.74
CA MET B 125 22.63 -21.63 4.38
C MET B 125 22.36 -20.42 3.42
N PHE B 126 21.38 -19.57 3.73
CA PHE B 126 21.02 -18.42 2.86
C PHE B 126 22.20 -17.51 2.64
N GLY B 127 22.44 -17.11 1.41
CA GLY B 127 23.35 -16.00 1.26
C GLY B 127 22.82 -15.01 0.31
N GLY B 128 23.56 -13.93 0.19
CA GLY B 128 23.19 -12.90 -0.77
C GLY B 128 21.98 -12.14 -0.32
N TRP B 129 22.13 -11.43 0.79
CA TRP B 129 21.20 -10.45 1.19
C TRP B 129 21.25 -9.16 0.43
N GLY B 130 22.23 -8.97 -0.44
CA GLY B 130 22.22 -7.84 -1.31
C GLY B 130 22.27 -6.53 -0.54
N ASP B 131 21.38 -5.60 -0.89
CA ASP B 131 21.31 -4.29 -0.26
C ASP B 131 20.33 -4.22 0.99
N THR B 132 20.00 -5.36 1.55
CA THR B 132 19.10 -5.44 2.65
C THR B 132 19.83 -4.78 3.88
N GLU B 133 19.15 -3.96 4.65
CA GLU B 133 19.76 -3.23 5.80
CA GLU B 133 19.74 -3.25 5.78
C GLU B 133 19.35 -4.02 7.04
N PHE B 134 20.34 -4.54 7.78
CA PHE B 134 20.04 -5.21 9.03
C PHE B 134 20.33 -4.21 10.15
N SER B 135 19.55 -4.25 11.23
CA SER B 135 19.85 -3.47 12.44
C SER B 135 19.38 -4.23 13.68
N SER B 136 19.66 -3.68 14.82
CA SER B 136 19.44 -4.31 16.12
C SER B 136 18.65 -3.40 16.95
N HIS B 137 17.74 -3.91 17.75
CA HIS B 137 16.99 -3.03 18.65
C HIS B 137 16.91 -3.75 20.03
N GLU B 138 17.32 -3.05 21.06
CA GLU B 138 17.39 -3.60 22.35
C GLU B 138 16.06 -3.42 23.00
N THR B 139 15.61 -4.49 23.61
CA THR B 139 14.35 -4.46 24.35
C THR B 139 14.51 -5.12 25.73
N ARG B 140 13.45 -5.00 26.51
CA ARG B 140 13.34 -5.68 27.81
C ARG B 140 13.30 -7.20 27.69
N ASN B 141 13.22 -7.65 26.45
CA ASN B 141 13.35 -9.05 26.11
C ASN B 141 14.63 -9.34 25.49
N GLY B 142 15.61 -8.43 25.52
CA GLY B 142 16.91 -8.69 24.91
C GLY B 142 16.92 -8.17 23.49
N THR B 143 17.90 -8.50 22.73
CA THR B 143 18.07 -7.90 21.39
C THR B 143 17.16 -8.50 20.34
N MET B 144 16.68 -7.62 19.49
CA MET B 144 15.77 -7.96 18.45
C MET B 144 16.44 -7.61 17.11
N SER B 145 16.46 -8.55 16.20
CA SER B 145 17.10 -8.31 14.88
C SER B 145 16.05 -7.82 13.93
N LEU B 146 16.31 -6.65 13.34
CA LEU B 146 15.42 -6.04 12.35
C LEU B 146 16.03 -6.10 10.99
N LEU B 147 15.19 -6.09 9.99
CA LEU B 147 15.63 -5.97 8.61
C LEU B 147 14.67 -5.13 7.76
N LYS B 148 15.26 -4.41 6.84
CA LYS B 148 14.56 -3.72 5.80
C LYS B 148 15.19 -4.13 4.44
N MET B 149 14.40 -4.76 3.62
CA MET B 149 14.84 -5.17 2.33
C MET B 149 15.40 -4.05 1.54
N GLY B 150 16.43 -4.30 0.73
CA GLY B 150 16.86 -3.30 -0.22
C GLY B 150 16.17 -3.63 -1.61
N PRO B 151 16.03 -2.63 -2.46
CA PRO B 151 15.28 -2.79 -3.68
C PRO B 151 15.92 -3.75 -4.64
N LYS B 152 17.26 -3.84 -4.69
CA LYS B 152 17.92 -4.81 -5.62
C LYS B 152 17.68 -6.27 -5.20
N PHE B 153 17.73 -6.53 -3.92
CA PHE B 153 17.38 -7.82 -3.31
C PHE B 153 15.95 -8.21 -3.61
N MET B 154 15.03 -7.28 -3.38
CA MET B 154 13.64 -7.51 -3.73
C MET B 154 13.46 -7.87 -5.18
N LYS B 155 14.13 -7.16 -6.08
CA LYS B 155 13.91 -7.42 -7.53
C LYS B 155 14.37 -8.78 -7.92
N ALA B 156 15.55 -9.13 -7.44
CA ALA B 156 16.19 -10.37 -7.80
C ALA B 156 15.65 -11.57 -7.09
N ARG B 157 15.23 -11.38 -5.83
CA ARG B 157 14.95 -12.54 -4.97
C ARG B 157 13.50 -12.80 -4.59
N LEU B 158 12.64 -11.79 -4.67
CA LEU B 158 11.26 -11.93 -4.32
C LEU B 158 10.34 -11.75 -5.50
N TYR B 159 10.65 -10.76 -6.32
CA TYR B 159 9.72 -10.19 -7.28
C TYR B 159 10.13 -10.46 -8.72
N GLN B 160 11.03 -11.40 -8.95
CA GLN B 160 11.65 -11.44 -10.34
C GLN B 160 10.67 -11.91 -11.42
N ASN B 161 9.60 -12.64 -11.10
CA ASN B 161 8.55 -12.96 -12.12
C ASN B 161 7.33 -12.08 -12.01
N CYS B 162 7.42 -10.96 -11.21
CA CYS B 162 6.29 -10.07 -11.07
C CYS B 162 6.31 -9.01 -12.08
N PRO B 163 5.11 -8.58 -12.48
CA PRO B 163 4.99 -7.35 -13.27
C PRO B 163 5.69 -6.18 -12.64
N ILE B 164 6.30 -5.32 -13.46
CA ILE B 164 7.05 -4.23 -12.95
C ILE B 164 6.23 -3.34 -11.96
N GLU B 165 4.94 -3.18 -12.27
CA GLU B 165 4.02 -2.38 -11.45
CA GLU B 165 3.86 -2.51 -11.50
C GLU B 165 3.92 -2.89 -10.02
N ASP B 166 3.97 -4.23 -9.84
CA ASP B 166 3.98 -4.88 -8.55
C ASP B 166 5.23 -4.67 -7.75
N TYR B 167 6.35 -4.68 -8.48
CA TYR B 167 7.62 -4.36 -7.93
C TYR B 167 7.62 -2.89 -7.47
N GLU B 168 7.08 -1.99 -8.27
CA GLU B 168 7.04 -0.59 -7.87
C GLU B 168 6.11 -0.36 -6.70
N LEU B 169 5.00 -1.05 -6.73
CA LEU B 169 4.07 -0.94 -5.66
C LEU B 169 4.76 -1.34 -4.33
N ALA B 170 5.51 -2.43 -4.39
CA ALA B 170 6.13 -2.94 -3.18
C ALA B 170 7.19 -1.99 -2.68
N LYS B 171 7.92 -1.38 -3.60
CA LYS B 171 8.92 -0.44 -3.20
C LYS B 171 8.26 0.68 -2.42
N MET B 172 7.06 1.02 -2.76
CA MET B 172 6.31 2.08 -2.04
C MET B 172 5.71 1.69 -0.70
N LEU B 173 5.64 0.38 -0.41
CA LEU B 173 4.87 -0.08 0.74
C LEU B 173 5.67 -0.92 1.68
N HIS B 174 6.79 -1.56 1.24
CA HIS B 174 7.49 -2.48 2.11
C HIS B 174 8.08 -1.68 3.28
N ARG B 175 8.25 -2.34 4.41
CA ARG B 175 8.68 -1.71 5.68
C ARG B 175 9.68 -2.58 6.42
N GLN B 176 10.35 -1.91 7.33
CA GLN B 176 11.26 -2.55 8.19
C GLN B 176 10.45 -3.49 9.04
N GLY B 177 10.98 -4.69 9.24
CA GLY B 177 10.31 -5.72 10.02
C GLY B 177 11.28 -6.66 10.73
N SER B 178 10.82 -7.85 11.08
CA SER B 178 11.60 -8.79 11.87
C SER B 178 11.09 -10.19 11.69
N PHE B 179 11.98 -11.17 11.68
CA PHE B 179 11.64 -12.59 11.82
C PHE B 179 11.55 -13.13 13.28
N PHE B 180 11.78 -12.26 14.27
CA PHE B 180 11.62 -12.59 15.70
C PHE B 180 12.33 -13.89 16.10
N THR B 181 13.51 -14.11 15.55
CA THR B 181 14.18 -15.36 15.75
C THR B 181 14.62 -15.53 17.18
N GLU B 182 15.11 -14.47 17.79
CA GLU B 182 15.47 -14.55 19.21
C GLU B 182 14.29 -14.93 20.08
N ASP B 183 13.13 -14.25 19.94
CA ASP B 183 11.90 -14.59 20.69
C ASP B 183 11.44 -16.03 20.38
N LEU B 184 11.44 -16.39 19.09
CA LEU B 184 11.05 -17.78 18.69
C LEU B 184 12.05 -18.82 19.23
N SER B 185 13.35 -18.48 19.35
CA SER B 185 14.33 -19.44 19.94
C SER B 185 13.95 -19.75 21.37
N LYS B 186 13.40 -18.78 22.08
CA LYS B 186 13.10 -18.91 23.53
C LYS B 186 11.70 -19.36 23.88
N LYS B 187 10.91 -19.55 22.88
CA LYS B 187 9.51 -19.78 23.12
C LYS B 187 9.30 -21.30 23.33
N GLU B 188 8.29 -21.67 24.13
CA GLU B 188 7.82 -23.09 24.19
C GLU B 188 7.51 -23.68 22.79
N LYS B 189 7.96 -24.93 22.56
CA LYS B 189 7.79 -25.63 21.28
C LYS B 189 6.31 -25.64 20.92
N PHE B 190 5.97 -25.62 19.64
CA PHE B 190 4.61 -25.80 19.26
C PHE B 190 4.15 -27.21 19.69
N SER B 191 2.91 -27.30 20.11
CA SER B 191 2.32 -28.52 20.62
C SER B 191 1.67 -29.50 19.56
N GLU B 192 1.77 -30.82 19.87
CA GLU B 192 1.07 -31.89 19.13
C GLU B 192 -0.43 -31.71 19.25
N GLU B 193 -0.90 -31.37 20.45
CA GLU B 193 -2.36 -31.28 20.72
C GLU B 193 -3.02 -30.11 20.06
N GLY B 194 -2.30 -29.00 19.88
CA GLY B 194 -2.88 -27.84 19.22
C GLY B 194 -2.52 -27.88 17.74
N TYR B 195 -1.45 -27.15 17.42
CA TYR B 195 -0.91 -27.04 16.04
C TYR B 195 -0.82 -28.37 15.33
N GLY B 196 -0.34 -29.38 16.06
CA GLY B 196 0.01 -30.64 15.42
C GLY B 196 -1.20 -31.45 15.02
N SER B 197 -2.35 -31.12 15.60
CA SER B 197 -3.56 -31.84 15.32
C SER B 197 -4.29 -31.26 14.17
N VAL B 198 -3.80 -30.18 13.55
CA VAL B 198 -4.64 -29.43 12.58
C VAL B 198 -4.18 -29.97 11.20
N GLN B 199 -5.11 -30.09 10.25
CA GLN B 199 -4.70 -30.55 8.91
C GLN B 199 -3.86 -29.46 8.21
N ARG B 200 -2.80 -29.86 7.51
CA ARG B 200 -1.91 -28.92 6.82
C ARG B 200 -1.53 -29.39 5.39
N VAL B 201 -1.51 -28.46 4.44
CA VAL B 201 -1.02 -28.71 3.12
C VAL B 201 0.13 -27.72 2.86
N TYR B 202 1.01 -28.02 1.91
CA TYR B 202 2.06 -27.12 1.48
C TYR B 202 1.83 -26.78 0.02
N VAL B 203 2.00 -25.49 -0.29
CA VAL B 203 1.95 -24.93 -1.66
C VAL B 203 3.27 -24.20 -1.96
N MET B 204 4.01 -24.68 -2.97
CA MET B 204 5.38 -24.16 -3.28
C MET B 204 5.37 -23.61 -4.66
N SER B 205 6.26 -22.72 -4.93
CA SER B 205 6.36 -22.04 -6.22
C SER B 205 7.64 -22.51 -6.78
N SER B 206 7.67 -22.91 -8.07
CA SER B 206 8.86 -23.55 -8.69
C SER B 206 10.05 -22.62 -8.87
N GLU B 207 9.84 -21.32 -8.99
CA GLU B 207 10.97 -20.35 -9.13
C GLU B 207 11.12 -19.41 -7.88
N ASP B 208 10.86 -19.95 -6.70
CA ASP B 208 11.04 -19.20 -5.46
C ASP B 208 12.52 -19.10 -5.11
N LYS B 209 13.12 -17.90 -5.15
CA LYS B 209 14.53 -17.75 -4.90
C LYS B 209 14.81 -17.41 -3.50
N ILE B 210 13.81 -17.47 -2.65
CA ILE B 210 14.01 -17.33 -1.20
C ILE B 210 14.03 -18.66 -0.54
N ILE B 211 12.99 -19.44 -0.81
CA ILE B 211 12.83 -20.78 -0.23
C ILE B 211 13.23 -21.86 -1.23
N PRO B 212 14.46 -22.37 -1.18
CA PRO B 212 14.81 -23.44 -2.12
C PRO B 212 13.95 -24.75 -1.95
N CYS B 213 13.75 -25.48 -3.06
CA CYS B 213 13.07 -26.79 -3.11
C CYS B 213 13.65 -27.76 -2.06
N ASP B 214 14.99 -27.96 -2.00
CA ASP B 214 15.67 -28.88 -1.03
CA ASP B 214 15.41 -29.01 -1.10
C ASP B 214 15.27 -28.52 0.36
N PHE B 215 15.18 -27.21 0.61
CA PHE B 215 14.84 -26.71 1.98
C PHE B 215 13.43 -27.13 2.34
N ILE B 216 12.55 -26.99 1.35
CA ILE B 216 11.17 -27.42 1.53
C ILE B 216 11.00 -28.92 1.86
N ARG B 217 11.76 -29.78 1.14
CA ARG B 217 11.69 -31.25 1.29
C ARG B 217 12.18 -31.57 2.69
N TRP B 218 13.23 -30.87 3.12
CA TRP B 218 13.74 -31.03 4.46
C TRP B 218 12.74 -30.67 5.58
N MET B 219 12.00 -29.56 5.34
CA MET B 219 10.94 -29.17 6.25
C MET B 219 9.81 -30.17 6.30
N ILE B 220 9.30 -30.56 5.13
CA ILE B 220 8.21 -31.52 5.09
C ILE B 220 8.66 -32.87 5.70
N ASP B 221 9.86 -33.29 5.38
CA ASP B 221 10.48 -34.46 6.00
C ASP B 221 10.51 -34.35 7.55
N ASN B 222 10.83 -33.20 8.11
CA ASN B 222 10.76 -33.15 9.56
C ASN B 222 9.37 -33.17 10.05
N PHE B 223 8.39 -32.92 9.19
CA PHE B 223 7.05 -32.58 9.64
C PHE B 223 6.04 -32.64 8.55
N ASN B 224 5.34 -33.77 8.44
CA ASN B 224 4.63 -34.13 7.22
C ASN B 224 3.42 -33.28 6.97
N VAL B 225 3.04 -33.17 5.73
CA VAL B 225 1.79 -32.49 5.42
C VAL B 225 0.95 -33.52 4.72
N SER B 226 -0.35 -33.29 4.66
CA SER B 226 -1.28 -34.15 3.91
C SER B 226 -1.03 -34.17 2.45
N LYS B 227 -0.59 -33.06 1.88
CA LYS B 227 -0.44 -32.96 0.45
C LYS B 227 0.37 -31.73 0.09
N VAL B 228 1.03 -31.77 -1.04
CA VAL B 228 1.92 -30.72 -1.50
C VAL B 228 1.46 -30.33 -2.89
N TYR B 229 1.27 -29.03 -3.14
CA TYR B 229 0.90 -28.52 -4.44
C TYR B 229 2.04 -27.67 -4.93
N GLU B 230 2.18 -27.53 -6.25
CA GLU B 230 3.28 -26.71 -6.81
C GLU B 230 2.76 -25.69 -7.76
N ILE B 231 3.30 -24.47 -7.78
CA ILE B 231 2.82 -23.46 -8.71
C ILE B 231 3.96 -23.21 -9.66
N ASP B 232 3.77 -23.71 -10.89
CA ASP B 232 4.72 -23.63 -11.93
C ASP B 232 4.97 -22.18 -12.35
N GLY B 233 6.21 -21.78 -12.22
CA GLY B 233 6.72 -20.53 -12.60
C GLY B 233 6.62 -19.41 -11.59
N GLY B 234 6.16 -19.71 -10.38
CA GLY B 234 5.86 -18.64 -9.43
C GLY B 234 7.24 -18.25 -8.87
N ASP B 235 7.47 -16.96 -8.71
CA ASP B 235 8.50 -16.45 -7.77
C ASP B 235 7.98 -16.56 -6.32
N HIS B 236 8.72 -15.98 -5.35
CA HIS B 236 8.34 -16.07 -3.94
C HIS B 236 7.04 -15.29 -3.77
N MET B 237 6.91 -14.13 -4.42
CA MET B 237 5.62 -13.36 -4.31
C MET B 237 4.56 -13.90 -5.27
N VAL B 238 4.21 -15.18 -5.08
CA VAL B 238 3.40 -15.92 -6.01
C VAL B 238 2.00 -15.33 -6.16
N MET B 239 1.49 -14.68 -5.08
CA MET B 239 0.21 -13.93 -5.14
C MET B 239 0.20 -12.75 -6.10
N LEU B 240 1.38 -12.30 -6.49
CA LEU B 240 1.55 -11.16 -7.39
C LEU B 240 1.97 -11.67 -8.76
N SER B 241 2.88 -12.65 -8.81
CA SER B 241 3.37 -13.15 -10.07
C SER B 241 2.41 -14.12 -10.77
N LYS B 242 1.76 -15.00 -10.00
CA LYS B 242 0.81 -15.97 -10.50
C LYS B 242 -0.49 -16.03 -9.68
N PRO B 243 -1.20 -14.91 -9.56
CA PRO B 243 -2.43 -14.99 -8.79
C PRO B 243 -3.47 -16.05 -9.24
N GLN B 244 -3.70 -16.16 -10.55
CA GLN B 244 -4.65 -17.11 -11.04
C GLN B 244 -4.32 -18.56 -10.63
N LYS B 245 -3.06 -18.90 -10.79
CA LYS B 245 -2.62 -20.21 -10.43
CA LYS B 245 -2.57 -20.23 -10.43
C LYS B 245 -2.67 -20.51 -8.95
N LEU B 246 -2.37 -19.50 -8.14
CA LEU B 246 -2.59 -19.62 -6.71
C LEU B 246 -4.06 -19.85 -6.39
N PHE B 247 -4.92 -19.11 -7.02
CA PHE B 247 -6.34 -19.33 -6.92
C PHE B 247 -6.67 -20.77 -7.29
N ASP B 248 -6.10 -21.24 -8.36
CA ASP B 248 -6.40 -22.64 -8.78
C ASP B 248 -6.03 -23.63 -7.65
N SER B 249 -4.85 -23.46 -7.12
CA SER B 249 -4.35 -24.35 -6.07
C SER B 249 -5.28 -24.24 -4.85
N LEU B 250 -5.62 -23.01 -4.43
CA LEU B 250 -6.50 -22.84 -3.24
C LEU B 250 -7.89 -23.39 -3.45
N SER B 251 -8.43 -23.32 -4.67
CA SER B 251 -9.67 -24.04 -5.00
C SER B 251 -9.57 -25.52 -4.85
N ALA B 252 -8.43 -26.09 -5.31
CA ALA B 252 -8.26 -27.51 -5.19
C ALA B 252 -8.26 -27.92 -3.73
N ILE B 253 -7.52 -27.15 -2.91
CA ILE B 253 -7.51 -27.36 -1.46
C ILE B 253 -8.93 -27.27 -0.93
N ALA B 254 -9.67 -26.23 -1.27
CA ALA B 254 -11.01 -26.12 -0.76
C ALA B 254 -11.89 -27.33 -1.19
N THR B 255 -11.82 -27.74 -2.45
CA THR B 255 -12.55 -28.90 -2.89
C THR B 255 -12.30 -30.06 -2.04
N ASP B 256 -11.07 -30.34 -1.66
CA ASP B 256 -10.81 -31.47 -0.73
C ASP B 256 -11.33 -31.39 0.74
N TYR B 257 -11.54 -30.20 1.33
CA TYR B 257 -11.97 -30.05 2.77
C TYR B 257 -13.41 -29.56 2.82
N MET B 258 -14.27 -30.21 2.03
CA MET B 258 -15.56 -29.62 1.53
C MET B 258 -16.59 -29.14 2.57
#